data_6DRS
#
_entry.id   6DRS
#
_cell.length_a   77.720
_cell.length_b   77.720
_cell.length_c   120.630
_cell.angle_alpha   90.000
_cell.angle_beta   90.000
_cell.angle_gamma   120.000
#
_symmetry.space_group_name_H-M   'P 31 2 1'
#
loop_
_entity.id
_entity.type
_entity.pdbx_description
1 polymer 'Dihydrofolate reductase, putative'
2 non-polymer 'SULFATE ION'
3 non-polymer 3-{[(3R)-7,9-diamino-3-methyl-2,3-dihydrofuro[2,3-f]quinazolin-4-yl]oxy}benzonitrile
4 non-polymer 'NADP NICOTINAMIDE-ADENINE-DINUCLEOTIDE PHOSPHATE'
5 water water
#
_entity_poly.entity_id   1
_entity_poly.type   'polypeptide(L)'
_entity_poly.pdbx_seq_one_letter_code
;MAPTNPLTLIVATTPIPTREKTLLGIGLNGTLPWPRIKADMSFFARVTTRPPRPGTTNAMIMGRKTYDSVPKSLRPLGKR
INVIVTRDVEGVSKRVAEELKEKRAKMAAAAAAATSAGENKEEGPITDAIVSSGLEAALEDVEEKFKGGLGSVFVIGGAE
IYATALGLGGDRPVRIVMTNVEKKGVDGEKAVFECDTFFPIDEELLMEKGWRKVSAEEVTEWVGEPVSGEWKDEGEVRIQ
MVGYERVNLEHHHHHH
;
_entity_poly.pdbx_strand_id   A
#
# COMPACT_ATOMS: atom_id res chain seq x y z
N PRO A 3 16.97 8.09 -16.53
CA PRO A 3 15.74 7.27 -16.53
C PRO A 3 14.94 7.46 -15.22
N THR A 4 13.63 7.24 -15.28
CA THR A 4 12.73 7.75 -14.21
C THR A 4 12.33 6.60 -13.24
N ASN A 5 12.27 6.94 -11.95
CA ASN A 5 12.19 5.97 -10.87
C ASN A 5 10.89 5.15 -10.98
N PRO A 6 10.93 3.89 -10.53
CA PRO A 6 9.75 3.05 -10.72
C PRO A 6 8.60 3.48 -9.78
N LEU A 7 7.37 3.25 -10.23
CA LEU A 7 6.19 3.46 -9.38
C LEU A 7 5.67 2.09 -8.95
N THR A 8 5.53 1.88 -7.65
CA THR A 8 5.12 0.57 -7.20
C THR A 8 3.69 0.68 -6.62
N LEU A 9 2.76 -0.05 -7.21
CA LEU A 9 1.43 -0.33 -6.61
C LEU A 9 1.57 -1.53 -5.67
N ILE A 10 1.10 -1.39 -4.45
CA ILE A 10 1.07 -2.53 -3.55
C ILE A 10 -0.37 -2.74 -3.09
N VAL A 11 -0.78 -4.00 -3.11
CA VAL A 11 -2.22 -4.36 -2.96
C VAL A 11 -2.31 -5.78 -2.43
N ALA A 12 -3.36 -6.06 -1.65
CA ALA A 12 -3.76 -7.45 -1.37
C ALA A 12 -5.06 -7.75 -2.16
N THR A 13 -5.08 -8.87 -2.90
CA THR A 13 -6.30 -9.24 -3.64
C THR A 13 -6.78 -10.64 -3.22
N THR A 14 -8.07 -10.87 -3.45
CA THR A 14 -8.71 -12.17 -3.28
C THR A 14 -9.43 -12.55 -4.59
N PRO A 15 -9.20 -13.79 -5.10
CA PRO A 15 -9.83 -14.16 -6.38
C PRO A 15 -11.33 -14.48 -6.25
N ILE A 16 -12.10 -13.90 -7.14
CA ILE A 16 -13.55 -14.15 -7.27
C ILE A 16 -13.85 -14.65 -8.69
N PRO A 17 -13.98 -15.97 -8.84
CA PRO A 17 -14.26 -16.50 -10.19
C PRO A 17 -15.67 -16.07 -10.59
N THR A 18 -15.81 -15.43 -11.73
CA THR A 18 -17.14 -15.21 -12.30
C THR A 18 -17.20 -15.96 -13.63
N ARG A 19 -18.39 -16.03 -14.24
CA ARG A 19 -18.54 -16.73 -15.53
C ARG A 19 -17.52 -16.18 -16.55
N GLU A 20 -17.36 -14.87 -16.63
CA GLU A 20 -16.57 -14.22 -17.69
C GLU A 20 -15.07 -14.15 -17.31
N LYS A 21 -14.73 -13.96 -16.04
CA LYS A 21 -13.30 -13.84 -15.65
C LYS A 21 -13.17 -13.97 -14.13
N THR A 22 -11.97 -14.26 -13.66
CA THR A 22 -11.69 -14.12 -12.25
C THR A 22 -11.46 -12.65 -11.92
N LEU A 23 -12.28 -12.11 -11.03
CA LEU A 23 -12.09 -10.75 -10.49
C LEU A 23 -11.11 -10.84 -9.31
N LEU A 24 -10.50 -9.69 -8.99
CA LEU A 24 -9.57 -9.58 -7.84
C LEU A 24 -10.17 -8.61 -6.82
N GLY A 25 -10.81 -9.14 -5.80
CA GLY A 25 -11.54 -8.31 -4.86
C GLY A 25 -10.56 -7.72 -3.85
N ILE A 26 -10.76 -6.44 -3.51
CA ILE A 26 -9.83 -5.73 -2.62
C ILE A 26 -10.57 -5.05 -1.46
N GLY A 27 -11.88 -4.82 -1.57
CA GLY A 27 -12.58 -4.03 -0.56
C GLY A 27 -14.07 -4.34 -0.46
N LEU A 28 -14.64 -4.10 0.71
CA LEU A 28 -16.09 -4.25 0.96
C LEU A 28 -16.49 -3.20 2.01
N ASN A 29 -17.48 -2.37 1.68
CA ASN A 29 -18.09 -1.46 2.69
C ASN A 29 -17.02 -0.52 3.27
N GLY A 30 -16.13 -0.01 2.42
CA GLY A 30 -15.10 0.97 2.81
C GLY A 30 -13.98 0.39 3.68
N THR A 31 -13.92 -0.92 3.87
CA THR A 31 -12.81 -1.57 4.59
CA THR A 31 -12.74 -1.50 4.54
C THR A 31 -12.25 -2.71 3.72
N LEU A 32 -11.41 -3.56 4.32
CA LEU A 32 -10.92 -4.75 3.59
C LEU A 32 -11.99 -5.85 3.62
N PRO A 33 -11.88 -6.84 2.71
CA PRO A 33 -12.92 -7.87 2.64
C PRO A 33 -12.78 -8.94 3.73
N TRP A 34 -11.65 -9.03 4.41
CA TRP A 34 -11.37 -10.21 5.24
C TRP A 34 -11.04 -9.79 6.66
N PRO A 35 -11.16 -10.73 7.61
CA PRO A 35 -10.66 -10.45 8.94
C PRO A 35 -9.16 -10.10 8.83
N ARG A 36 -8.61 -9.47 9.86
CA ARG A 36 -7.24 -8.97 9.88
C ARG A 36 -6.24 -10.10 9.59
N ILE A 37 -5.43 -9.92 8.55
CA ILE A 37 -4.32 -10.84 8.33
C ILE A 37 -3.03 -10.21 8.87
N LYS A 38 -2.54 -10.66 10.02
CA LYS A 38 -1.32 -10.07 10.65
C LYS A 38 -0.12 -10.11 9.70
N ALA A 39 0.09 -11.22 8.98
CA ALA A 39 1.26 -11.33 8.10
C ALA A 39 1.17 -10.33 6.93
N ASP A 40 -0.03 -10.09 6.39
CA ASP A 40 -0.12 -9.10 5.30
C ASP A 40 0.12 -7.67 5.82
N MET A 41 -0.46 -7.34 6.97
CA MET A 41 -0.34 -6.06 7.65
C MET A 41 1.13 -5.73 7.95
N SER A 42 1.84 -6.69 8.55
CA SER A 42 3.21 -6.42 8.92
C SER A 42 4.09 -6.30 7.66
N PHE A 43 3.77 -7.11 6.65
CA PHE A 43 4.46 -7.07 5.40
C PHE A 43 4.24 -5.71 4.74
N PHE A 44 2.99 -5.26 4.74
CA PHE A 44 2.68 -3.95 4.14
C PHE A 44 3.44 -2.86 4.88
N ALA A 45 3.47 -2.97 6.22
CA ALA A 45 4.06 -1.94 7.07
C ALA A 45 5.58 -1.88 6.81
N ARG A 46 6.24 -3.03 6.89
CA ARG A 46 7.72 -3.09 6.73
C ARG A 46 8.11 -2.60 5.34
N VAL A 47 7.43 -3.09 4.31
CA VAL A 47 7.76 -2.74 2.96
C VAL A 47 7.54 -1.24 2.69
N THR A 48 6.43 -0.67 3.15
CA THR A 48 6.14 0.73 2.76
C THR A 48 7.01 1.69 3.57
N THR A 49 7.50 1.25 4.71
CA THR A 49 8.31 2.08 5.62
C THR A 49 9.80 2.05 5.20
N ARG A 50 10.28 0.88 4.81
CA ARG A 50 11.71 0.60 4.58
C ARG A 50 12.32 1.56 3.55
N PRO A 51 13.23 2.48 3.98
CA PRO A 51 13.93 3.42 3.09
C PRO A 51 14.90 2.70 2.15
N PRO A 52 14.99 3.14 0.89
CA PRO A 52 15.90 2.52 -0.08
C PRO A 52 17.36 2.96 0.17
N ARG A 53 17.58 4.01 0.95
CA ARG A 53 18.91 4.41 1.39
C ARG A 53 18.79 5.29 2.63
N PRO A 54 19.90 5.50 3.34
CA PRO A 54 19.86 6.17 4.63
C PRO A 54 19.37 7.61 4.45
N GLY A 55 18.64 8.10 5.44
CA GLY A 55 18.18 9.49 5.45
C GLY A 55 17.07 9.76 4.45
N THR A 56 16.31 8.75 4.02
CA THR A 56 15.15 9.01 3.14
C THR A 56 13.87 8.49 3.79
N THR A 57 12.75 8.99 3.31
CA THR A 57 11.43 8.57 3.81
C THR A 57 10.57 8.19 2.60
N ASN A 58 9.89 7.03 2.68
CA ASN A 58 9.01 6.62 1.59
C ASN A 58 7.69 7.40 1.70
N ALA A 59 7.08 7.63 0.53
CA ALA A 59 5.73 8.19 0.40
C ALA A 59 4.75 7.09 0.00
N MET A 60 3.54 7.13 0.57
CA MET A 60 2.40 6.30 0.09
C MET A 60 1.35 7.22 -0.54
N ILE A 61 1.04 7.03 -1.81
CA ILE A 61 -0.04 7.82 -2.39
C ILE A 61 -1.36 7.02 -2.33
N MET A 62 -2.40 7.63 -1.77
CA MET A 62 -3.67 6.94 -1.54
C MET A 62 -4.87 7.82 -1.91
N GLY A 63 -5.98 7.19 -2.32
CA GLY A 63 -7.25 7.92 -2.48
C GLY A 63 -7.83 8.29 -1.11
N ARG A 64 -8.71 9.30 -1.09
CA ARG A 64 -9.24 9.79 0.17
C ARG A 64 -10.00 8.67 0.92
N LYS A 65 -10.66 7.76 0.19
CA LYS A 65 -11.44 6.72 0.86
C LYS A 65 -10.52 5.72 1.55
N THR A 66 -9.39 5.43 0.93
CA THR A 66 -8.40 4.54 1.54
C THR A 66 -7.80 5.23 2.77
N TYR A 67 -7.50 6.53 2.66
CA TYR A 67 -7.11 7.25 3.89
C TYR A 67 -8.14 7.01 4.99
N ASP A 68 -9.42 7.20 4.66
CA ASP A 68 -10.51 7.10 5.66
C ASP A 68 -10.63 5.66 6.19
N SER A 69 -10.27 4.68 5.37
CA SER A 69 -10.38 3.26 5.75
C SER A 69 -9.44 2.91 6.91
N VAL A 70 -8.35 3.68 7.09
CA VAL A 70 -7.47 3.45 8.24
C VAL A 70 -8.15 4.05 9.47
N PRO A 71 -8.17 3.32 10.59
CA PRO A 71 -8.75 3.84 11.85
C PRO A 71 -8.09 5.18 12.24
N LYS A 72 -8.85 6.11 12.82
CA LYS A 72 -8.39 7.51 12.86
C LYS A 72 -7.14 7.66 13.74
N SER A 73 -7.05 6.82 14.78
CA SER A 73 -6.00 6.91 15.78
C SER A 73 -4.66 6.43 15.20
N LEU A 74 -4.72 5.57 14.17
CA LEU A 74 -3.53 5.06 13.51
C LEU A 74 -3.15 5.98 12.35
N ARG A 75 -3.91 7.03 12.07
CA ARG A 75 -3.54 7.75 10.86
C ARG A 75 -3.24 9.22 11.19
N PRO A 76 -2.49 9.93 10.33
CA PRO A 76 -1.76 9.37 9.15
C PRO A 76 -0.73 8.32 9.59
N LEU A 77 -0.45 7.35 8.72
CA LEU A 77 0.33 6.17 9.11
C LEU A 77 1.80 6.58 9.37
N GLY A 78 2.36 6.13 10.48
CA GLY A 78 3.66 6.62 10.93
C GLY A 78 4.83 6.17 10.08
N LYS A 79 5.82 7.05 10.02
CA LYS A 79 7.14 6.75 9.50
C LYS A 79 7.10 6.72 7.98
N ARG A 80 6.04 7.27 7.41
CA ARG A 80 5.99 7.46 5.98
C ARG A 80 5.40 8.84 5.66
N ILE A 81 5.55 9.28 4.44
CA ILE A 81 4.84 10.46 3.96
C ILE A 81 3.49 9.98 3.38
N ASN A 82 2.40 10.42 3.96
CA ASN A 82 1.08 10.02 3.51
C ASN A 82 0.60 11.08 2.53
N VAL A 83 0.20 10.65 1.35
CA VAL A 83 -0.25 11.62 0.34
C VAL A 83 -1.69 11.29 -0.05
N ILE A 84 -2.62 12.15 0.36
CA ILE A 84 -4.07 11.86 0.22
C ILE A 84 -4.59 12.59 -1.02
N VAL A 85 -5.10 11.82 -2.00
CA VAL A 85 -5.60 12.39 -3.27
C VAL A 85 -7.12 12.57 -3.19
N THR A 86 -7.56 13.81 -3.47
CA THR A 86 -8.94 14.22 -3.25
C THR A 86 -9.34 15.30 -4.25
N ARG A 87 -10.65 15.47 -4.40
CA ARG A 87 -11.17 16.57 -5.22
C ARG A 87 -11.60 17.74 -4.31
N ASP A 88 -11.47 17.58 -3.00
CA ASP A 88 -11.75 18.68 -2.10
C ASP A 88 -10.52 18.95 -1.22
N VAL A 89 -9.47 19.52 -1.84
CA VAL A 89 -8.17 19.73 -1.15
C VAL A 89 -8.40 20.57 0.10
N GLU A 90 -9.22 21.61 -0.06
CA GLU A 90 -9.44 22.63 0.97
C GLU A 90 -9.97 21.97 2.24
N GLY A 91 -11.10 21.25 2.10
CA GLY A 91 -11.77 20.66 3.24
C GLY A 91 -10.95 19.54 3.86
N VAL A 92 -10.39 18.69 3.00
CA VAL A 92 -9.66 17.49 3.45
C VAL A 92 -8.33 17.90 4.12
N SER A 93 -7.61 18.85 3.49
CA SER A 93 -6.44 19.52 4.11
C SER A 93 -6.68 19.82 5.59
N LYS A 94 -7.75 20.57 5.91
CA LYS A 94 -7.97 20.98 7.31
C LYS A 94 -8.06 19.75 8.21
N ARG A 95 -8.76 18.73 7.74
CA ARG A 95 -8.99 17.55 8.61
C ARG A 95 -7.68 16.74 8.73
N VAL A 96 -6.93 16.62 7.63
CA VAL A 96 -5.66 15.84 7.65
C VAL A 96 -4.67 16.56 8.59
N ALA A 97 -4.57 17.90 8.43
CA ALA A 97 -3.71 18.74 9.28
C ALA A 97 -4.03 18.47 10.74
N GLU A 98 -5.30 18.30 11.03
CA GLU A 98 -5.72 18.09 12.39
C GLU A 98 -5.26 16.71 12.87
N GLU A 99 -5.47 15.71 12.02
CA GLU A 99 -5.15 14.31 12.38
C GLU A 99 -3.63 14.14 12.51
N LEU A 100 -2.88 14.74 11.59
CA LEU A 100 -1.39 14.80 11.69
C LEU A 100 -0.94 15.34 13.07
N LYS A 101 -1.50 16.47 13.48
CA LYS A 101 -1.15 17.12 14.76
C LYS A 101 -1.41 16.18 15.95
N GLU A 102 -2.52 15.46 15.92
CA GLU A 102 -2.83 14.49 16.98
C GLU A 102 -1.78 13.36 16.95
N LYS A 103 -1.44 12.94 15.72
CA LYS A 103 -0.48 11.84 15.53
C LYS A 103 0.90 12.26 16.08
N ARG A 104 1.29 13.48 15.73
CA ARG A 104 2.58 14.06 16.21
C ARG A 104 2.62 13.98 17.73
N ALA A 105 1.48 14.31 18.34
CA ALA A 105 1.34 14.30 19.80
C ALA A 105 1.53 12.89 20.33
N LYS A 106 0.85 11.92 19.75
CA LYS A 106 1.05 10.52 20.18
C LYS A 106 2.52 10.12 20.01
N MET A 107 3.10 10.43 18.86
CA MET A 107 4.45 9.92 18.59
C MET A 107 5.48 10.60 19.52
N ALA A 108 5.31 11.90 19.78
CA ALA A 108 6.22 12.64 20.70
C ALA A 108 6.17 12.03 22.11
N ALA A 109 4.97 11.77 22.62
CA ALA A 109 4.83 11.20 23.95
C ALA A 109 5.53 9.83 24.05
N ALA A 110 5.43 9.03 22.99
CA ALA A 110 6.06 7.71 22.93
C ALA A 110 7.59 7.87 22.90
N ALA A 111 8.10 8.83 22.13
CA ALA A 111 9.55 9.08 22.07
C ALA A 111 10.10 9.49 23.45
N ALA A 112 9.43 10.43 24.10
CA ALA A 112 9.79 10.84 25.46
C ALA A 112 9.76 9.64 26.42
N ALA A 113 8.73 8.81 26.35
CA ALA A 113 8.66 7.62 27.22
C ALA A 113 9.80 6.65 26.88
N ALA A 114 10.02 6.39 25.59
CA ALA A 114 11.06 5.45 25.17
C ALA A 114 12.45 5.90 25.68
N THR A 115 12.78 7.18 25.45
CA THR A 115 13.97 7.82 26.01
C THR A 115 14.02 7.59 27.52
N SER A 116 12.91 7.90 28.20
CA SER A 116 12.85 7.87 29.66
C SER A 116 13.11 6.45 30.21
N ALA A 117 12.76 5.42 29.46
CA ALA A 117 13.07 4.05 29.87
C ALA A 117 14.31 3.54 29.12
N GLY A 118 15.32 4.40 29.04
CA GLY A 118 16.69 4.06 28.61
C GLY A 118 16.78 3.35 27.27
N GLU A 119 15.93 3.67 26.29
CA GLU A 119 16.01 2.99 24.97
C GLU A 119 16.93 3.77 24.01
N ASN A 120 17.65 3.02 23.16
CA ASN A 120 18.57 3.59 22.17
C ASN A 120 17.76 4.23 21.04
N LYS A 121 17.92 5.53 20.80
CA LYS A 121 17.26 6.14 19.65
C LYS A 121 18.25 6.23 18.47
N GLU A 122 17.69 6.31 17.27
CA GLU A 122 18.48 6.31 16.04
C GLU A 122 17.68 7.03 14.94
N GLU A 123 18.41 7.55 13.97
CA GLU A 123 17.80 8.12 12.77
C GLU A 123 16.79 7.13 12.19
N GLY A 124 15.65 7.65 11.77
CA GLY A 124 14.59 6.90 11.12
C GLY A 124 13.80 7.80 10.21
N PRO A 125 12.94 7.21 9.39
CA PRO A 125 12.13 7.97 8.43
C PRO A 125 11.10 8.86 9.14
N ILE A 126 10.68 9.94 8.50
CA ILE A 126 9.83 10.89 9.23
C ILE A 126 8.35 10.61 8.92
N THR A 127 7.44 11.20 9.68
CA THR A 127 6.00 11.04 9.44
C THR A 127 5.44 12.37 8.92
N ASP A 128 4.77 12.33 7.78
CA ASP A 128 4.11 13.51 7.26
C ASP A 128 2.79 13.12 6.58
N ALA A 129 1.91 14.11 6.37
CA ALA A 129 0.71 13.92 5.55
C ALA A 129 0.49 15.19 4.73
N ILE A 130 0.23 15.01 3.45
CA ILE A 130 -0.09 16.12 2.57
C ILE A 130 -1.25 15.72 1.65
N VAL A 131 -1.97 16.72 1.14
CA VAL A 131 -3.19 16.48 0.36
C VAL A 131 -2.99 17.09 -1.02
N SER A 132 -3.26 16.35 -2.09
CA SER A 132 -3.07 16.80 -3.45
C SER A 132 -4.37 16.61 -4.23
N SER A 133 -4.42 17.23 -5.40
CA SER A 133 -5.64 17.34 -6.21
C SER A 133 -5.70 16.21 -7.26
N GLY A 134 -4.68 15.36 -7.26
CA GLY A 134 -4.58 14.31 -8.25
C GLY A 134 -3.34 13.46 -8.01
N LEU A 135 -3.24 12.37 -8.76
CA LEU A 135 -2.10 11.46 -8.64
C LEU A 135 -0.85 12.11 -9.22
N GLU A 136 -0.97 12.75 -10.38
CA GLU A 136 0.17 13.42 -10.98
C GLU A 136 0.60 14.56 -10.04
N ALA A 137 -0.38 15.32 -9.57
CA ALA A 137 -0.17 16.38 -8.60
C ALA A 137 0.54 15.83 -7.36
N ALA A 138 0.09 14.68 -6.85
CA ALA A 138 0.71 14.04 -5.67
C ALA A 138 2.19 13.74 -5.94
N LEU A 139 2.47 13.14 -7.09
CA LEU A 139 3.83 12.79 -7.43
C LEU A 139 4.69 14.06 -7.49
N GLU A 140 4.19 15.10 -8.15
CA GLU A 140 4.89 16.38 -8.22
C GLU A 140 5.13 16.94 -6.80
N ASP A 141 4.04 17.05 -6.03
CA ASP A 141 4.06 17.63 -4.71
C ASP A 141 5.10 16.93 -3.83
N VAL A 142 5.15 15.59 -3.79
CA VAL A 142 6.16 14.96 -2.91
C VAL A 142 7.57 15.22 -3.43
N GLU A 143 7.77 15.17 -4.75
CA GLU A 143 9.10 15.45 -5.34
C GLU A 143 9.56 16.85 -4.89
N GLU A 144 8.69 17.84 -5.10
CA GLU A 144 8.98 19.23 -4.75
C GLU A 144 9.26 19.39 -3.25
N LYS A 145 8.49 18.76 -2.37
CA LYS A 145 8.67 19.01 -0.95
C LYS A 145 9.90 18.27 -0.43
N PHE A 146 10.19 17.07 -0.92
CA PHE A 146 11.15 16.24 -0.18
C PHE A 146 12.50 16.13 -0.88
N LYS A 147 12.53 16.34 -2.20
CA LYS A 147 13.80 16.35 -2.99
C LYS A 147 14.54 15.02 -2.82
N GLY A 148 15.80 15.07 -2.35
CA GLY A 148 16.64 13.87 -2.23
C GLY A 148 16.41 13.13 -0.93
N GLY A 149 15.55 13.69 -0.07
CA GLY A 149 15.07 12.98 1.11
C GLY A 149 13.90 12.04 0.76
N LEU A 150 13.34 12.16 -0.46
CA LEU A 150 12.26 11.23 -0.89
C LEU A 150 12.87 9.83 -1.09
N GLY A 151 12.32 8.83 -0.39
CA GLY A 151 12.68 7.41 -0.63
C GLY A 151 11.83 6.78 -1.73
N SER A 152 11.32 5.57 -1.51
CA SER A 152 10.47 4.90 -2.53
C SER A 152 9.03 5.45 -2.54
N VAL A 153 8.40 5.49 -3.69
CA VAL A 153 6.98 5.91 -3.78
C VAL A 153 6.10 4.68 -4.07
N PHE A 154 5.12 4.49 -3.22
CA PHE A 154 4.16 3.41 -3.33
C PHE A 154 2.78 4.02 -3.62
N VAL A 155 2.04 3.39 -4.53
CA VAL A 155 0.60 3.68 -4.66
C VAL A 155 -0.16 2.61 -3.87
N ILE A 156 -0.81 3.01 -2.78
CA ILE A 156 -1.39 2.04 -1.84
C ILE A 156 -2.91 1.87 -2.03
N GLY A 157 -3.48 2.42 -3.11
CA GLY A 157 -4.93 2.26 -3.33
C GLY A 157 -5.76 3.52 -3.08
N GLY A 158 -7.09 3.40 -3.26
CA GLY A 158 -7.73 2.13 -3.66
C GLY A 158 -7.93 2.03 -5.15
N ALA A 159 -9.06 1.43 -5.56
CA ALA A 159 -9.31 1.09 -6.97
C ALA A 159 -9.20 2.32 -7.86
N GLU A 160 -9.75 3.47 -7.45
CA GLU A 160 -9.73 4.67 -8.36
C GLU A 160 -8.30 5.17 -8.57
N ILE A 161 -7.54 5.27 -7.47
CA ILE A 161 -6.13 5.68 -7.52
C ILE A 161 -5.30 4.66 -8.32
N TYR A 162 -5.51 3.35 -8.10
CA TYR A 162 -4.76 2.32 -8.86
C TYR A 162 -5.04 2.48 -10.37
N ALA A 163 -6.32 2.68 -10.68
CA ALA A 163 -6.73 2.87 -12.06
C ALA A 163 -5.96 4.05 -12.66
N THR A 164 -5.87 5.15 -11.90
CA THR A 164 -5.11 6.32 -12.36
C THR A 164 -3.62 5.99 -12.53
N ALA A 165 -3.03 5.33 -11.55
CA ALA A 165 -1.60 4.92 -11.69
C ALA A 165 -1.41 4.16 -13.02
N LEU A 166 -2.27 3.19 -13.29
CA LEU A 166 -2.09 2.30 -14.42
C LEU A 166 -2.28 3.08 -15.72
N GLY A 167 -2.90 4.25 -15.64
CA GLY A 167 -3.20 5.03 -16.83
C GLY A 167 -2.17 6.13 -17.06
N LEU A 168 -1.20 6.30 -16.18
CA LEU A 168 -0.18 7.36 -16.36
C LEU A 168 0.62 7.14 -17.63
N GLY A 169 0.96 8.22 -18.33
CA GLY A 169 1.76 8.16 -19.56
C GLY A 169 3.19 7.67 -19.30
N GLY A 170 3.62 6.66 -20.07
CA GLY A 170 4.98 6.08 -19.97
C GLY A 170 6.04 7.14 -19.74
N ARG A 172 7.95 6.30 -16.02
CA ARG A 172 7.84 5.45 -14.85
C ARG A 172 7.55 4.00 -15.30
N PRO A 173 8.47 3.05 -15.00
CA PRO A 173 8.00 1.65 -14.92
C PRO A 173 6.99 1.53 -13.77
N VAL A 174 5.95 0.72 -13.98
CA VAL A 174 5.00 0.45 -12.89
C VAL A 174 5.06 -1.03 -12.55
N ARG A 175 5.11 -1.29 -11.26
CA ARG A 175 5.26 -2.63 -10.79
C ARG A 175 4.14 -2.86 -9.79
N ILE A 176 3.68 -4.11 -9.71
CA ILE A 176 2.67 -4.44 -8.74
C ILE A 176 3.25 -5.45 -7.76
N VAL A 177 3.25 -5.09 -6.47
CA VAL A 177 3.54 -6.07 -5.43
C VAL A 177 2.20 -6.55 -4.84
N MET A 178 1.88 -7.83 -5.04
CA MET A 178 0.51 -8.25 -4.75
C MET A 178 0.53 -9.38 -3.71
N THR A 179 -0.29 -9.24 -2.66
CA THR A 179 -0.52 -10.35 -1.78
C THR A 179 -1.82 -11.05 -2.21
N ASN A 180 -1.71 -12.32 -2.62
CA ASN A 180 -2.89 -13.17 -2.95
C ASN A 180 -3.44 -13.76 -1.65
N VAL A 181 -4.75 -13.60 -1.49
CA VAL A 181 -5.48 -14.03 -0.28
C VAL A 181 -6.58 -15.00 -0.73
N GLU A 182 -6.58 -16.20 -0.17
CA GLU A 182 -7.57 -17.20 -0.50
C GLU A 182 -8.10 -17.85 0.78
N LYS A 183 -9.39 -18.21 0.81
CA LYS A 183 -9.89 -19.02 1.97
C LYS A 183 -9.35 -20.46 1.85
N LYS A 184 -9.08 -21.12 3.00
CA LYS A 184 -8.79 -22.57 3.00
C LYS A 184 -10.06 -23.31 2.55
N GLY A 185 -9.91 -24.41 1.81
CA GLY A 185 -11.08 -25.23 1.42
C GLY A 185 -11.86 -25.72 2.64
N VAL A 186 -13.15 -26.01 2.49
CA VAL A 186 -13.86 -26.58 3.64
C VAL A 186 -14.18 -28.06 3.37
N ASP A 187 -14.89 -28.35 2.29
CA ASP A 187 -14.99 -29.77 1.95
C ASP A 187 -14.25 -30.00 0.64
N GLY A 188 -12.96 -29.64 0.65
CA GLY A 188 -12.18 -29.50 -0.58
C GLY A 188 -12.84 -28.57 -1.59
N GLU A 189 -13.56 -27.56 -1.09
CA GLU A 189 -14.07 -26.45 -1.91
C GLU A 189 -13.65 -25.13 -1.23
N LYS A 190 -13.24 -24.14 -1.99
CA LYS A 190 -12.87 -22.86 -1.41
C LYS A 190 -14.01 -21.85 -1.59
N ALA A 191 -14.50 -21.30 -0.47
CA ALA A 191 -15.46 -20.18 -0.47
C ALA A 191 -14.80 -18.90 -1.01
N VAL A 192 -15.62 -17.92 -1.36
CA VAL A 192 -15.14 -16.68 -1.95
C VAL A 192 -15.54 -15.50 -1.05
N PHE A 193 -14.68 -14.48 -0.92
CA PHE A 193 -15.02 -13.27 -0.13
C PHE A 193 -15.92 -12.35 -0.95
N GLU A 194 -16.91 -11.77 -0.29
CA GLU A 194 -17.74 -10.75 -0.90
C GLU A 194 -16.95 -9.43 -0.97
N CYS A 195 -16.96 -8.77 -2.13
CA CYS A 195 -16.21 -7.52 -2.34
C CYS A 195 -17.05 -6.54 -3.16
N ASP A 196 -17.00 -5.24 -2.88
CA ASP A 196 -17.69 -4.25 -3.74
C ASP A 196 -16.65 -3.45 -4.51
N THR A 197 -15.37 -3.69 -4.20
CA THR A 197 -14.26 -2.96 -4.85
C THR A 197 -13.23 -3.98 -5.36
N PHE A 198 -12.76 -3.80 -6.59
CA PHE A 198 -11.90 -4.73 -7.30
C PHE A 198 -10.68 -4.00 -7.85
N PHE A 199 -9.57 -4.71 -7.97
CA PHE A 199 -8.44 -4.23 -8.76
C PHE A 199 -8.90 -3.94 -10.20
N PRO A 200 -8.38 -2.90 -10.82
CA PRO A 200 -8.86 -2.42 -12.12
C PRO A 200 -8.44 -3.31 -13.31
N ILE A 201 -7.53 -4.25 -13.09
CA ILE A 201 -7.10 -5.21 -14.10
C ILE A 201 -7.04 -6.55 -13.36
N ASP A 202 -7.20 -7.66 -14.08
CA ASP A 202 -7.27 -8.96 -13.40
C ASP A 202 -6.70 -10.03 -14.34
N GLU A 203 -7.29 -10.16 -15.50
CA GLU A 203 -6.98 -11.23 -16.41
C GLU A 203 -5.61 -10.95 -17.05
N GLU A 204 -5.33 -9.68 -17.28
CA GLU A 204 -4.10 -9.34 -17.93
C GLU A 204 -2.89 -9.68 -17.06
N LEU A 205 -3.04 -9.73 -15.72
CA LEU A 205 -1.98 -10.20 -14.83
C LEU A 205 -1.97 -11.73 -14.78
N LEU A 206 -3.14 -12.35 -14.62
CA LEU A 206 -3.16 -13.80 -14.44
C LEU A 206 -2.76 -14.50 -15.76
N MET A 207 -2.96 -13.84 -16.91
CA MET A 207 -2.62 -14.44 -18.20
C MET A 207 -1.33 -13.81 -18.75
N GLU A 208 -0.73 -12.91 -17.98
CA GLU A 208 0.51 -12.24 -18.40
C GLU A 208 0.39 -11.58 -19.78
N LYS A 209 -0.60 -10.73 -19.98
CA LYS A 209 -0.76 -10.04 -21.24
C LYS A 209 -0.36 -8.58 -21.05
N GLY A 210 0.85 -8.26 -21.46
CA GLY A 210 1.41 -6.92 -21.21
C GLY A 210 2.04 -6.83 -19.84
N TRP A 211 2.02 -7.94 -19.12
CA TRP A 211 2.56 -7.97 -17.77
C TRP A 211 3.39 -9.24 -17.64
N ARG A 212 4.47 -9.18 -16.88
CA ARG A 212 5.22 -10.36 -16.62
C ARG A 212 5.15 -10.63 -15.13
N LYS A 213 4.96 -11.87 -14.74
CA LYS A 213 5.12 -12.20 -13.38
C LYS A 213 6.61 -12.44 -13.11
N VAL A 214 7.17 -11.85 -12.05
CA VAL A 214 8.61 -11.83 -11.88
C VAL A 214 9.04 -12.91 -10.87
N SER A 215 10.33 -13.25 -10.87
CA SER A 215 10.92 -14.23 -9.93
C SER A 215 10.75 -13.74 -8.48
N ALA A 216 10.66 -14.65 -7.53
CA ALA A 216 10.71 -14.32 -6.11
C ALA A 216 11.95 -13.44 -5.83
N GLU A 217 13.06 -13.75 -6.48
CA GLU A 217 14.27 -12.99 -6.26
C GLU A 217 14.04 -11.53 -6.72
N GLU A 218 13.27 -11.33 -7.77
CA GLU A 218 13.07 -9.96 -8.20
C GLU A 218 12.15 -9.20 -7.24
N VAL A 219 11.13 -9.88 -6.68
CA VAL A 219 10.24 -9.23 -5.74
C VAL A 219 11.06 -8.84 -4.52
N THR A 220 11.94 -9.76 -4.14
CA THR A 220 12.75 -9.59 -2.97
C THR A 220 13.55 -8.29 -3.10
N GLU A 221 14.12 -8.08 -4.29
CA GLU A 221 14.91 -6.86 -4.55
C GLU A 221 14.01 -5.62 -4.44
N TRP A 222 12.82 -5.64 -5.05
CA TRP A 222 11.88 -4.49 -4.96
C TRP A 222 11.61 -4.14 -3.51
N VAL A 223 11.40 -5.11 -2.66
CA VAL A 223 10.72 -4.73 -1.43
C VAL A 223 11.72 -4.76 -0.27
N GLY A 224 12.94 -5.30 -0.50
CA GLY A 224 14.02 -5.23 0.50
C GLY A 224 13.87 -6.22 1.65
N GLU A 225 13.07 -7.26 1.47
CA GLU A 225 13.07 -8.41 2.38
C GLU A 225 12.80 -9.68 1.55
N PRO A 226 13.18 -10.85 2.08
CA PRO A 226 13.03 -12.09 1.32
C PRO A 226 11.54 -12.43 1.05
N VAL A 227 11.19 -12.68 -0.20
CA VAL A 227 9.82 -13.12 -0.55
C VAL A 227 9.98 -14.44 -1.30
N SER A 228 9.26 -15.48 -0.91
CA SER A 228 9.49 -16.78 -1.52
C SER A 228 8.49 -17.03 -2.63
N GLY A 229 7.35 -16.34 -2.56
CA GLY A 229 6.26 -16.61 -3.47
C GLY A 229 5.50 -17.89 -3.11
N GLU A 230 5.76 -18.44 -1.93
CA GLU A 230 5.13 -19.65 -1.42
C GLU A 230 3.80 -19.31 -0.72
N TRP A 231 2.82 -20.23 -0.72
CA TRP A 231 1.61 -20.09 0.11
C TRP A 231 1.99 -20.34 1.57
N LYS A 232 1.39 -19.59 2.47
CA LYS A 232 1.64 -19.67 3.92
C LYS A 232 0.28 -19.59 4.62
N ASP A 233 0.10 -20.37 5.69
CA ASP A 233 -1.22 -20.46 6.27
C ASP A 233 -1.36 -19.35 7.29
N GLU A 234 -2.47 -18.62 7.26
CA GLU A 234 -2.74 -17.64 8.29
C GLU A 234 -4.18 -17.81 8.75
N GLY A 235 -4.43 -18.76 9.65
CA GLY A 235 -5.78 -19.00 10.19
C GLY A 235 -6.67 -19.61 9.13
N GLU A 236 -7.71 -18.89 8.72
CA GLU A 236 -8.65 -19.41 7.71
C GLU A 236 -8.27 -18.95 6.30
N VAL A 237 -7.24 -18.12 6.15
CA VAL A 237 -6.76 -17.81 4.83
C VAL A 237 -5.38 -18.44 4.60
N ARG A 238 -5.01 -18.60 3.34
CA ARG A 238 -3.61 -18.73 2.96
C ARG A 238 -3.23 -17.52 2.09
N ILE A 239 -1.96 -17.06 2.18
CA ILE A 239 -1.47 -15.86 1.46
C ILE A 239 -0.12 -16.17 0.79
N GLN A 240 0.16 -15.48 -0.30
CA GLN A 240 1.45 -15.49 -0.97
C GLN A 240 1.68 -14.10 -1.59
N MET A 241 2.95 -13.74 -1.78
CA MET A 241 3.33 -12.42 -2.32
C MET A 241 3.99 -12.63 -3.68
N VAL A 242 3.54 -11.88 -4.68
CA VAL A 242 4.08 -12.05 -6.01
C VAL A 242 4.29 -10.64 -6.58
N GLY A 243 4.98 -10.52 -7.71
CA GLY A 243 5.07 -9.22 -8.33
C GLY A 243 4.89 -9.28 -9.84
N TYR A 244 4.41 -8.19 -10.40
CA TYR A 244 4.16 -8.10 -11.81
C TYR A 244 4.78 -6.80 -12.32
N GLU A 245 5.49 -6.88 -13.44
CA GLU A 245 6.01 -5.67 -14.03
C GLU A 245 5.34 -5.51 -15.39
N ARG A 246 5.04 -4.26 -15.75
CA ARG A 246 4.48 -3.99 -17.05
C ARG A 246 5.53 -4.30 -18.13
N VAL A 247 5.09 -4.89 -19.23
CA VAL A 247 5.92 -5.22 -20.39
C VAL A 247 5.42 -4.37 -21.55
#